data_9IOS
#
_entry.id   9IOS
#
loop_
_entity.id
_entity.type
_entity.pdbx_description
1 polymer "RNA (5'-R(*GP*GP*AP*UP*AP*GP*UP*UP*UP*CP*GP*AP*CP*UP*GP*AP*UP*CP*C)-3')"
2 non-polymer 1-cyclopropyl-N-[3-(dimethylamino)propyl]-7-(4-ethylpiperazin-1-yl)-6-fluoranyl-4-oxidanylidene-quinoline-3-carboxamide
#
_entity_poly.entity_id   1
_entity_poly.type   'polyribonucleotide'
_entity_poly.pdbx_seq_one_letter_code
;GGAUAGUUUCGACUGAUCC
;
_entity_poly.pdbx_strand_id   A
#